data_6S64
#
_entry.id   6S64
#
_cell.length_a   122.690
_cell.length_b   61.655
_cell.length_c   80.240
_cell.angle_alpha   90.000
_cell.angle_beta   117.360
_cell.angle_gamma   90.000
#
_symmetry.space_group_name_H-M   'C 1 2 1'
#
loop_
_entity.id
_entity.type
_entity.pdbx_description
1 polymer 'Transcriptional enhancer factor TEF-4'
2 non-polymer 'MYRISTIC ACID'
3 non-polymer 'PALMITIC ACID'
4 non-polymer '3-[3-(3,4-dichlorophenyl)-4-[(phenylmethyl)carbamoyl]pyrazol-1-yl]propanoic acid'
5 water water
#
_entity_poly.entity_id   1
_entity_poly.type   'polypeptide(L)'
_entity_poly.pdbx_seq_one_letter_code
;MAWQARGLGTARLQLVEFSAFVEPPDAVDSYQRHLFVHISQHCPSPGAPPLESVDVRQIYDKFPEKKGGLRELYDRGPPH
AFFLVKFWADLNWGPSGEEAGAGGSISSGGFYGVSSQYESLEHMTLTCSSKVCSFGKQVVEKVETERAQLEDGRFVYRLL
RSPMCEYLVNFLHKLRQLPERYMMNSVLENFTILQVVTNRDTQELLLCTAYVFEVSTSERGAQHHIYRLVRDVEHHHHHH
;
_entity_poly.pdbx_strand_id   A,B
#
loop_
_chem_comp.id
_chem_comp.type
_chem_comp.name
_chem_comp.formula
KXE non-polymer '3-[3-(3,4-dichlorophenyl)-4-[(phenylmethyl)carbamoyl]pyrazol-1-yl]propanoic acid' 'C20 H17 Cl2 N3 O3'
MYR non-polymer 'MYRISTIC ACID' 'C14 H28 O2'
PLM non-polymer 'PALMITIC ACID' 'C16 H32 O2'
#
# COMPACT_ATOMS: atom_id res chain seq x y z
N GLY A 7 24.14 -14.38 -9.00
CA GLY A 7 22.94 -13.54 -9.27
C GLY A 7 21.87 -13.56 -8.16
N LEU A 8 21.07 -12.50 -8.11
CA LEU A 8 19.80 -12.53 -7.40
C LEU A 8 18.73 -13.23 -8.28
N GLY A 9 18.35 -14.45 -7.90
CA GLY A 9 17.72 -15.36 -8.84
C GLY A 9 17.56 -16.80 -8.38
N THR A 10 16.52 -17.45 -8.90
CA THR A 10 16.44 -18.90 -8.95
C THR A 10 16.43 -19.39 -10.42
N ALA A 11 16.31 -20.70 -10.62
CA ALA A 11 16.07 -21.28 -11.97
C ALA A 11 14.78 -20.73 -12.62
N ARG A 12 13.73 -20.54 -11.83
CA ARG A 12 12.44 -20.11 -12.30
C ARG A 12 12.33 -18.62 -12.59
N LEU A 13 13.06 -17.77 -11.86
CA LEU A 13 12.94 -16.29 -11.96
C LEU A 13 14.22 -15.60 -11.51
N GLN A 14 14.73 -14.73 -12.36
CA GLN A 14 15.98 -14.02 -12.13
C GLN A 14 15.68 -12.51 -12.14
N LEU A 15 16.23 -11.79 -11.16
CA LEU A 15 16.23 -10.32 -11.22
C LEU A 15 17.26 -9.90 -12.23
N VAL A 16 16.90 -9.01 -13.11
CA VAL A 16 17.79 -8.55 -14.18
C VAL A 16 18.27 -7.11 -13.90
N GLU A 17 17.35 -6.25 -13.48
CA GLU A 17 17.69 -4.89 -13.09
C GLU A 17 16.73 -4.32 -12.05
N PHE A 18 17.27 -3.48 -11.18
CA PHE A 18 16.48 -2.77 -10.20
C PHE A 18 17.10 -1.41 -9.95
N SER A 19 16.30 -0.38 -10.05
CA SER A 19 16.76 0.97 -9.77
C SER A 19 15.66 1.82 -9.08
N ALA A 20 16.07 2.69 -8.17
CA ALA A 20 15.16 3.70 -7.64
C ALA A 20 15.79 5.05 -7.97
N PHE A 21 14.96 5.99 -8.38
CA PHE A 21 15.52 7.20 -9.01
C PHE A 21 14.66 8.44 -8.93
N VAL A 22 15.31 9.56 -9.21
CA VAL A 22 14.62 10.81 -9.49
C VAL A 22 15.15 11.42 -10.75
N GLU A 23 14.22 11.94 -11.52
CA GLU A 23 14.52 12.69 -12.72
C GLU A 23 13.67 13.96 -12.65
N PRO A 24 14.21 15.08 -13.18
CA PRO A 24 13.48 16.34 -13.08
C PRO A 24 12.36 16.44 -14.13
N ARG A 33 18.26 12.09 -14.76
CA ARG A 33 18.07 10.89 -13.94
C ARG A 33 19.17 10.64 -12.88
N HIS A 34 18.81 10.72 -11.59
CA HIS A 34 19.71 10.34 -10.48
C HIS A 34 19.25 9.00 -9.88
N LEU A 35 20.20 8.12 -9.58
CA LEU A 35 19.87 6.81 -9.04
C LEU A 35 20.25 6.75 -7.58
N PHE A 36 19.30 6.39 -6.73
CA PHE A 36 19.60 6.25 -5.30
C PHE A 36 20.26 4.93 -5.09
N VAL A 37 19.68 3.91 -5.74
CA VAL A 37 20.24 2.57 -5.78
C VAL A 37 20.06 1.96 -7.18
N HIS A 38 20.82 0.92 -7.46
CA HIS A 38 20.90 0.40 -8.80
C HIS A 38 21.56 -0.97 -8.74
N ILE A 39 20.84 -1.97 -9.24
CA ILE A 39 21.38 -3.29 -9.47
C ILE A 39 21.24 -3.58 -10.97
N SER A 40 22.37 -3.89 -11.63
CA SER A 40 22.36 -4.35 -13.05
C SER A 40 22.88 -5.77 -13.13
N GLN A 41 22.21 -6.60 -13.91
CA GLN A 41 22.58 -8.03 -14.03
C GLN A 41 22.32 -8.58 -15.46
N PRO A 49 31.76 -14.80 -10.19
CA PRO A 49 30.89 -15.77 -9.53
C PRO A 49 30.77 -15.57 -7.97
N PRO A 50 30.80 -16.64 -7.11
CA PRO A 50 30.12 -16.95 -5.79
C PRO A 50 28.89 -16.13 -5.27
N LEU A 51 28.49 -16.41 -4.02
CA LEU A 51 27.54 -15.58 -3.23
C LEU A 51 27.62 -15.95 -1.74
N GLU A 52 27.91 -14.99 -0.88
CA GLU A 52 28.07 -15.20 0.58
C GLU A 52 26.72 -15.46 1.28
N SER A 53 26.70 -15.79 2.57
CA SER A 53 25.46 -16.16 3.25
C SER A 53 25.26 -15.43 4.57
N VAL A 54 24.01 -15.44 5.07
CA VAL A 54 23.61 -14.80 6.34
C VAL A 54 22.48 -15.60 7.01
N ASP A 55 22.50 -15.68 8.34
CA ASP A 55 21.46 -16.37 9.08
C ASP A 55 20.25 -15.44 9.19
N VAL A 56 19.17 -15.72 8.45
CA VAL A 56 17.87 -15.07 8.66
C VAL A 56 17.55 -14.76 10.10
N ARG A 57 17.97 -15.64 11.01
CA ARG A 57 17.80 -15.44 12.46
C ARG A 57 18.26 -14.02 12.85
N GLN A 58 19.40 -13.60 12.30
CA GLN A 58 19.94 -12.24 12.53
C GLN A 58 18.93 -11.11 12.29
N ILE A 59 18.16 -11.23 11.22
CA ILE A 59 17.34 -10.12 10.72
C ILE A 59 15.82 -10.28 10.88
N TYR A 60 15.38 -11.18 11.75
CA TYR A 60 13.92 -11.34 12.06
C TYR A 60 13.31 -10.08 12.72
N ASP A 61 14.07 -9.53 13.67
CA ASP A 61 13.74 -8.28 14.38
C ASP A 61 13.55 -7.00 13.52
N LYS A 62 14.08 -7.00 12.28
CA LYS A 62 13.93 -5.86 11.34
C LYS A 62 12.65 -5.90 10.46
N PHE A 63 11.82 -6.95 10.64
CA PHE A 63 10.58 -7.12 9.87
C PHE A 63 9.48 -7.56 10.83
N PRO A 64 8.21 -7.39 10.44
CA PRO A 64 7.11 -7.83 11.29
C PRO A 64 7.17 -9.31 11.64
N GLU A 65 6.58 -9.65 12.80
CA GLU A 65 6.39 -11.04 13.17
C GLU A 65 4.91 -11.46 13.11
N LYS A 66 4.08 -10.60 12.51
CA LYS A 66 2.75 -10.96 12.07
C LYS A 66 2.84 -11.94 10.89
N LYS A 67 1.71 -12.24 10.26
CA LYS A 67 1.70 -12.91 8.97
C LYS A 67 2.31 -11.96 7.95
N GLY A 68 3.08 -12.50 7.03
CA GLY A 68 3.99 -11.69 6.21
C GLY A 68 5.20 -11.27 7.05
N GLY A 69 5.55 -12.14 7.99
CA GLY A 69 6.73 -12.00 8.80
C GLY A 69 7.76 -12.87 8.14
N LEU A 70 9.02 -12.49 8.27
CA LEU A 70 10.09 -13.16 7.58
C LEU A 70 10.26 -14.60 8.08
N ARG A 71 10.09 -14.81 9.39
CA ARG A 71 10.19 -16.17 9.97
C ARG A 71 9.15 -17.11 9.34
N GLU A 72 7.91 -16.64 9.33
CA GLU A 72 6.81 -17.35 8.70
C GLU A 72 7.09 -17.68 7.24
N LEU A 73 7.37 -16.66 6.43
CA LEU A 73 7.70 -16.88 5.01
C LEU A 73 8.80 -17.93 4.83
N TYR A 74 9.83 -17.84 5.65
CA TYR A 74 10.99 -18.71 5.49
C TYR A 74 10.64 -20.19 5.76
N ASP A 75 9.74 -20.43 6.73
CA ASP A 75 9.18 -21.77 7.02
C ASP A 75 8.43 -22.32 5.78
N ARG A 76 8.86 -23.49 5.30
CA ARG A 76 8.43 -24.04 3.98
C ARG A 76 8.39 -22.86 3.02
N GLY A 77 9.59 -22.48 2.62
CA GLY A 77 9.84 -21.28 1.87
C GLY A 77 9.45 -21.40 0.42
N PRO A 78 10.34 -21.93 -0.44
CA PRO A 78 11.55 -22.67 -0.05
C PRO A 78 12.81 -21.81 0.20
N PRO A 79 13.74 -22.30 1.02
CA PRO A 79 14.98 -21.61 1.43
C PRO A 79 15.82 -20.93 0.36
N HIS A 80 16.00 -21.53 -0.80
CA HIS A 80 16.88 -20.99 -1.88
C HIS A 80 16.30 -19.77 -2.61
N ALA A 81 15.04 -19.44 -2.33
CA ALA A 81 14.37 -18.28 -2.91
C ALA A 81 14.64 -16.95 -2.17
N PHE A 82 15.22 -17.02 -0.96
CA PHE A 82 15.42 -15.88 -0.07
C PHE A 82 16.82 -15.25 -0.11
N PHE A 83 16.86 -13.94 -0.34
CA PHE A 83 18.09 -13.17 -0.52
C PHE A 83 18.04 -11.93 0.36
N LEU A 84 19.24 -11.40 0.71
CA LEU A 84 19.43 -10.13 1.38
C LEU A 84 20.26 -9.23 0.46
N VAL A 85 19.85 -7.98 0.30
CA VAL A 85 20.63 -6.96 -0.38
C VAL A 85 20.92 -5.85 0.61
N LYS A 86 22.20 -5.50 0.74
CA LYS A 86 22.55 -4.33 1.53
C LYS A 86 22.84 -3.24 0.52
N PHE A 87 22.15 -2.09 0.66
CA PHE A 87 22.41 -0.92 -0.21
C PHE A 87 23.17 0.19 0.54
N TRP A 88 24.19 0.76 -0.13
CA TRP A 88 24.82 2.01 0.27
C TRP A 88 24.33 3.03 -0.74
N ALA A 89 23.34 3.83 -0.35
CA ALA A 89 22.62 4.68 -1.26
C ALA A 89 23.25 6.04 -1.44
N ASP A 90 22.85 6.68 -2.54
CA ASP A 90 23.40 7.94 -2.97
C ASP A 90 22.29 8.98 -2.87
N LEU A 91 22.37 9.84 -1.85
CA LEU A 91 21.38 10.90 -1.57
C LEU A 91 21.84 12.32 -2.01
N ASN A 92 22.91 12.33 -2.82
CA ASN A 92 23.57 13.55 -3.28
C ASN A 92 23.04 13.93 -4.67
N TRP A 93 21.87 14.56 -4.66
CA TRP A 93 21.31 15.23 -5.84
C TRP A 93 20.71 16.56 -5.33
N GLY A 109 10.48 19.00 -5.66
CA GLY A 109 9.86 18.41 -6.84
C GLY A 109 10.69 17.33 -7.51
N GLY A 110 10.20 16.83 -8.65
CA GLY A 110 10.84 15.75 -9.46
C GLY A 110 9.90 14.58 -9.68
N PHE A 111 10.28 13.66 -10.56
CA PHE A 111 9.57 12.36 -10.61
C PHE A 111 10.37 11.33 -9.84
N TYR A 112 9.70 10.66 -8.90
CA TYR A 112 10.33 9.63 -8.04
C TYR A 112 9.78 8.29 -8.47
N GLY A 113 10.67 7.50 -9.05
CA GLY A 113 10.29 6.18 -9.55
C GLY A 113 11.11 4.99 -9.09
N VAL A 114 10.50 3.84 -9.31
CA VAL A 114 11.12 2.53 -9.12
C VAL A 114 10.88 1.71 -10.40
N SER A 115 11.96 1.25 -11.03
CA SER A 115 11.89 0.33 -12.18
C SER A 115 12.49 -0.99 -11.76
N SER A 116 11.76 -2.09 -11.95
CA SER A 116 12.36 -3.43 -11.91
C SER A 116 12.03 -4.30 -13.14
N GLN A 117 12.89 -5.27 -13.38
CA GLN A 117 12.81 -6.11 -14.57
C GLN A 117 13.23 -7.48 -14.14
N TYR A 118 12.37 -8.46 -14.38
CA TYR A 118 12.70 -9.83 -14.10
C TYR A 118 12.71 -10.59 -15.40
N GLU A 119 13.14 -11.84 -15.32
CA GLU A 119 13.04 -12.73 -16.44
C GLU A 119 12.94 -14.20 -16.02
N SER A 120 12.34 -15.01 -16.92
CA SER A 120 12.24 -16.48 -16.76
C SER A 120 12.14 -17.25 -18.10
N LEU A 121 12.18 -18.57 -18.00
CA LEU A 121 11.93 -19.44 -19.16
C LEU A 121 10.51 -19.96 -19.25
N GLU A 122 9.75 -19.85 -18.15
CA GLU A 122 8.35 -20.24 -18.07
C GLU A 122 7.52 -18.96 -18.29
N HIS A 123 6.35 -19.11 -18.93
CA HIS A 123 5.33 -18.07 -19.02
C HIS A 123 4.58 -18.03 -17.71
N MET A 124 4.64 -16.90 -17.01
CA MET A 124 3.94 -16.71 -15.76
C MET A 124 3.29 -15.31 -15.68
N THR A 125 2.41 -15.18 -14.71
CA THR A 125 1.98 -13.90 -14.21
C THR A 125 2.49 -13.73 -12.76
N LEU A 126 3.09 -12.57 -12.49
CA LEU A 126 3.71 -12.29 -11.17
C LEU A 126 2.93 -11.32 -10.28
N THR A 127 2.77 -11.70 -9.01
CA THR A 127 2.36 -10.79 -7.94
C THR A 127 3.64 -10.30 -7.23
N CYS A 128 3.87 -8.99 -7.25
CA CYS A 128 5.06 -8.37 -6.58
C CYS A 128 4.56 -7.52 -5.42
N SER A 129 4.84 -7.98 -4.21
CA SER A 129 4.55 -7.29 -2.94
C SER A 129 5.82 -6.60 -2.35
N SER A 130 5.77 -5.29 -2.15
CA SER A 130 6.84 -4.55 -1.52
C SER A 130 6.28 -4.03 -0.21
N LYS A 131 6.95 -4.36 0.90
CA LYS A 131 6.56 -3.92 2.23
C LYS A 131 7.65 -3.07 2.81
N VAL A 132 7.38 -1.80 3.00
CA VAL A 132 8.27 -0.91 3.71
C VAL A 132 8.03 -0.96 5.22
N CYS A 133 9.12 -1.07 5.97
CA CYS A 133 9.07 -1.28 7.39
C CYS A 133 9.88 -0.24 8.14
N SER A 134 9.31 0.27 9.22
CA SER A 134 9.97 1.25 10.09
C SER A 134 9.88 0.71 11.52
N PHE A 135 11.03 0.52 12.17
CA PHE A 135 11.12 -0.10 13.50
C PHE A 135 10.40 -1.47 13.55
N GLY A 136 10.52 -2.25 12.50
CA GLY A 136 9.82 -3.54 12.40
C GLY A 136 8.28 -3.54 12.30
N LYS A 137 7.69 -2.37 12.03
CA LYS A 137 6.29 -2.26 11.74
C LYS A 137 6.17 -1.98 10.27
N GLN A 138 5.24 -2.67 9.63
CA GLN A 138 4.90 -2.36 8.25
C GLN A 138 4.13 -1.05 8.20
N VAL A 139 4.63 -0.13 7.42
CA VAL A 139 3.98 1.13 7.20
C VAL A 139 3.51 1.33 5.78
N VAL A 140 4.06 0.57 4.82
CA VAL A 140 3.55 0.55 3.46
C VAL A 140 3.53 -0.84 2.89
N GLU A 141 2.43 -1.23 2.22
CA GLU A 141 2.42 -2.38 1.34
C GLU A 141 1.94 -1.97 -0.03
N LYS A 142 2.78 -2.19 -1.04
CA LYS A 142 2.49 -1.91 -2.45
C LYS A 142 2.41 -3.25 -3.10
N VAL A 143 1.28 -3.52 -3.79
CA VAL A 143 1.05 -4.80 -4.51
C VAL A 143 0.77 -4.57 -6.01
N GLU A 144 1.61 -5.17 -6.87
CA GLU A 144 1.54 -4.99 -8.32
C GLU A 144 1.54 -6.33 -9.04
N THR A 145 1.10 -6.27 -10.30
CA THR A 145 0.96 -7.44 -11.15
C THR A 145 1.65 -7.15 -12.48
N GLU A 146 2.27 -8.21 -13.03
CA GLU A 146 2.88 -8.16 -14.35
C GLU A 146 2.87 -9.53 -15.03
N ARG A 147 2.34 -9.51 -16.25
CA ARG A 147 2.23 -10.70 -17.09
C ARG A 147 3.50 -10.84 -17.90
N ALA A 148 3.94 -12.07 -18.13
CA ALA A 148 5.11 -12.31 -18.98
C ALA A 148 4.91 -11.73 -20.37
N GLN A 149 5.99 -11.22 -20.94
CA GLN A 149 6.06 -10.77 -22.32
C GLN A 149 7.21 -11.52 -23.01
N LEU A 150 6.91 -12.15 -24.14
CA LEU A 150 7.97 -12.83 -24.96
C LEU A 150 8.98 -11.89 -25.61
N GLU A 151 10.26 -12.16 -25.39
CA GLU A 151 11.36 -11.38 -25.97
C GLU A 151 12.70 -12.16 -26.02
N ASP A 152 13.28 -12.25 -27.22
CA ASP A 152 14.56 -12.93 -27.49
C ASP A 152 14.64 -14.31 -26.89
N GLY A 153 13.59 -15.10 -27.04
CA GLY A 153 13.59 -16.49 -26.58
C GLY A 153 13.46 -16.75 -25.10
N ARG A 154 12.98 -15.76 -24.35
CA ARG A 154 12.73 -15.87 -22.92
C ARG A 154 11.58 -14.92 -22.53
N PHE A 155 11.10 -15.06 -21.30
CA PHE A 155 10.03 -14.18 -20.79
C PHE A 155 10.56 -13.09 -19.87
N VAL A 156 10.26 -11.84 -20.21
CA VAL A 156 10.58 -10.69 -19.36
C VAL A 156 9.34 -10.07 -18.66
N TYR A 157 9.55 -9.60 -17.44
CA TYR A 157 8.53 -8.96 -16.63
C TYR A 157 9.07 -7.56 -16.33
N ARG A 158 8.46 -6.54 -16.94
CA ARG A 158 8.88 -5.15 -16.79
C ARG A 158 7.93 -4.31 -15.93
N LEU A 159 8.37 -3.95 -14.72
CA LEU A 159 7.60 -3.07 -13.83
C LEU A 159 8.32 -1.73 -13.79
N LEU A 160 8.10 -0.92 -14.82
CA LEU A 160 8.95 0.23 -15.08
C LEU A 160 8.26 1.52 -14.69
N ARG A 161 9.07 2.43 -14.14
CA ARG A 161 8.63 3.74 -13.65
C ARG A 161 7.37 3.71 -12.80
N SER A 162 7.29 2.71 -11.92
CA SER A 162 6.24 2.72 -10.93
C SER A 162 6.53 3.93 -10.00
N PRO A 163 5.55 4.82 -9.81
CA PRO A 163 5.81 5.96 -8.92
C PRO A 163 6.06 5.55 -7.46
N MET A 164 7.17 6.02 -6.93
CA MET A 164 7.50 5.80 -5.52
C MET A 164 6.39 6.39 -4.64
N CYS A 165 6.03 5.67 -3.58
CA CYS A 165 4.95 6.13 -2.69
C CYS A 165 5.37 7.39 -1.97
N GLU A 166 4.37 8.11 -1.51
CA GLU A 166 4.58 9.42 -0.95
C GLU A 166 5.35 9.34 0.37
N TYR A 167 5.15 8.27 1.12
CA TYR A 167 5.87 8.10 2.38
C TYR A 167 7.39 8.13 2.13
N LEU A 168 7.84 7.32 1.15
CA LEU A 168 9.24 7.29 0.78
C LEU A 168 9.73 8.58 0.20
N VAL A 169 8.90 9.26 -0.58
CA VAL A 169 9.35 10.53 -1.19
C VAL A 169 9.65 11.57 -0.07
N ASN A 170 8.72 11.73 0.87
CA ASN A 170 8.87 12.66 2.01
C ASN A 170 10.01 12.27 2.92
N PHE A 171 10.07 10.97 3.21
CA PHE A 171 11.17 10.40 3.94
C PHE A 171 12.53 10.71 3.29
N LEU A 172 12.64 10.56 1.97
CA LEU A 172 13.87 10.87 1.26
C LEU A 172 14.22 12.36 1.34
N HIS A 173 13.22 13.22 1.21
CA HIS A 173 13.42 14.67 1.33
C HIS A 173 13.94 15.10 2.70
N LYS A 174 13.36 14.52 3.74
CA LYS A 174 13.85 14.72 5.08
C LYS A 174 15.26 14.18 5.26
N LEU A 175 15.48 12.97 4.79
CA LEU A 175 16.76 12.29 5.00
C LEU A 175 17.89 13.08 4.37
N ARG A 176 17.69 13.61 3.18
CA ARG A 176 18.79 14.29 2.52
C ARG A 176 19.22 15.63 3.17
N GLN A 177 18.32 16.26 3.92
CA GLN A 177 18.66 17.48 4.63
C GLN A 177 19.49 17.26 5.93
N LEU A 178 19.68 16.03 6.36
CA LEU A 178 20.55 15.74 7.47
C LEU A 178 22.00 16.17 7.16
N PRO A 179 22.68 16.74 8.15
CA PRO A 179 23.98 17.35 7.91
C PRO A 179 25.15 16.39 7.91
N GLU A 180 24.97 15.18 8.45
CA GLU A 180 26.00 14.18 8.43
C GLU A 180 25.49 12.81 7.98
N ARG A 181 26.40 12.09 7.36
CA ARG A 181 26.17 10.77 6.82
C ARG A 181 25.90 9.80 8.00
N TYR A 182 26.64 9.94 9.09
CA TYR A 182 26.43 9.05 10.24
C TYR A 182 25.02 9.19 10.86
N MET A 183 24.45 10.38 10.73
CA MET A 183 23.06 10.62 11.16
C MET A 183 22.07 9.86 10.24
N MET A 184 22.22 10.08 8.94
CA MET A 184 21.48 9.30 7.92
C MET A 184 21.54 7.79 8.20
N ASN A 185 22.71 7.29 8.52
CA ASN A 185 22.83 5.85 8.81
C ASN A 185 22.12 5.47 10.08
N SER A 186 22.16 6.32 11.09
CA SER A 186 21.47 6.05 12.32
C SER A 186 19.96 5.93 12.06
N VAL A 187 19.44 6.87 11.29
CA VAL A 187 18.04 6.85 10.96
C VAL A 187 17.73 5.58 10.15
N LEU A 188 18.62 5.24 9.20
CA LEU A 188 18.39 4.10 8.32
C LEU A 188 18.55 2.74 8.99
N GLU A 189 19.06 2.66 10.19
CA GLU A 189 19.23 1.32 10.80
C GLU A 189 17.83 0.77 11.12
N ASN A 190 16.82 1.66 11.22
CA ASN A 190 15.45 1.30 11.52
C ASN A 190 14.52 1.12 10.30
N PHE A 191 15.08 1.13 9.09
CA PHE A 191 14.28 1.15 7.90
C PHE A 191 14.61 0.01 6.92
N THR A 192 13.62 -0.82 6.59
CA THR A 192 13.84 -1.97 5.75
C THR A 192 12.74 -2.20 4.75
N ILE A 193 13.05 -2.92 3.66
CA ILE A 193 12.06 -3.29 2.67
C ILE A 193 12.05 -4.78 2.45
N LEU A 194 10.87 -5.39 2.34
CA LEU A 194 10.72 -6.84 2.09
C LEU A 194 9.93 -6.95 0.83
N GLN A 195 10.49 -7.61 -0.18
CA GLN A 195 9.90 -7.76 -1.51
C GLN A 195 9.66 -9.23 -1.79
N VAL A 196 8.39 -9.61 -2.02
CA VAL A 196 7.96 -10.98 -2.24
C VAL A 196 7.37 -11.07 -3.66
N VAL A 197 7.82 -12.03 -4.44
CA VAL A 197 7.38 -12.24 -5.80
C VAL A 197 6.86 -13.66 -5.85
N THR A 198 5.59 -13.80 -6.18
CA THR A 198 4.91 -15.08 -6.22
C THR A 198 4.34 -15.27 -7.61
N ASN A 199 4.15 -16.54 -7.92
CA ASN A 199 3.43 -16.95 -9.12
C ASN A 199 1.99 -16.72 -8.78
N ARG A 200 1.39 -15.73 -9.42
CA ARG A 200 -0.01 -15.37 -9.20
C ARG A 200 -0.96 -16.59 -9.25
N ASP A 201 -0.88 -17.36 -10.33
CA ASP A 201 -1.81 -18.45 -10.56
C ASP A 201 -1.66 -19.60 -9.55
N THR A 202 -0.44 -20.10 -9.34
CA THR A 202 -0.19 -21.16 -8.35
C THR A 202 0.04 -20.68 -6.91
N GLN A 203 0.27 -19.38 -6.72
CA GLN A 203 0.53 -18.82 -5.39
C GLN A 203 1.89 -19.23 -4.77
N GLU A 204 2.80 -19.78 -5.59
CA GLU A 204 4.12 -20.20 -5.13
C GLU A 204 5.04 -19.01 -5.00
N LEU A 205 5.87 -19.02 -3.96
CA LEU A 205 6.89 -17.98 -3.78
C LEU A 205 8.01 -18.23 -4.73
N LEU A 206 8.33 -17.24 -5.55
CA LEU A 206 9.47 -17.35 -6.45
C LEU A 206 10.68 -16.62 -5.87
N LEU A 207 10.47 -15.47 -5.24
CA LEU A 207 11.57 -14.63 -4.77
C LEU A 207 11.18 -13.84 -3.57
N CYS A 208 12.08 -13.77 -2.59
CA CYS A 208 11.86 -12.93 -1.44
C CYS A 208 13.15 -12.26 -1.07
N THR A 209 13.24 -10.95 -1.30
CA THR A 209 14.40 -10.18 -0.92
C THR A 209 14.14 -9.22 0.27
N ALA A 210 14.99 -9.34 1.29
CA ALA A 210 15.13 -8.31 2.33
C ALA A 210 16.16 -7.26 1.92
N TYR A 211 15.80 -5.99 2.06
CA TYR A 211 16.70 -4.86 1.80
C TYR A 211 17.03 -4.04 3.06
N VAL A 212 18.33 -3.73 3.21
CA VAL A 212 18.78 -2.88 4.36
C VAL A 212 19.63 -1.81 3.77
N PHE A 213 19.75 -0.70 4.48
CA PHE A 213 20.27 0.54 3.92
C PHE A 213 21.28 1.30 4.82
N GLU A 214 22.29 1.89 4.15
CA GLU A 214 23.16 2.95 4.66
C GLU A 214 23.29 3.90 3.51
N VAL A 215 24.03 4.97 3.67
CA VAL A 215 24.28 5.86 2.53
C VAL A 215 25.76 5.79 2.19
N SER A 216 26.08 6.16 0.95
CA SER A 216 27.45 6.27 0.46
C SER A 216 27.81 7.75 0.33
N THR A 217 29.10 8.02 0.21
CA THR A 217 29.54 9.30 -0.31
C THR A 217 29.27 9.34 -1.82
N SER A 218 29.14 10.53 -2.36
CA SER A 218 28.99 10.75 -3.82
C SER A 218 30.24 10.25 -4.56
N GLU A 219 31.39 10.55 -3.98
CA GLU A 219 32.67 10.06 -4.47
C GLU A 219 32.66 8.56 -4.74
N ARG A 220 32.20 7.76 -3.75
CA ARG A 220 32.16 6.31 -3.91
C ARG A 220 30.98 5.81 -4.73
N GLY A 221 29.88 6.59 -4.77
CA GLY A 221 28.67 6.23 -5.52
C GLY A 221 27.91 5.05 -4.91
N ALA A 222 26.74 4.78 -5.48
CA ALA A 222 25.91 3.65 -5.02
C ALA A 222 26.60 2.30 -5.10
N GLN A 223 26.35 1.46 -4.09
CA GLN A 223 26.88 0.10 -3.99
C GLN A 223 25.87 -0.84 -3.37
N HIS A 224 26.03 -2.13 -3.67
CA HIS A 224 25.22 -3.16 -3.06
C HIS A 224 25.98 -4.42 -2.96
N HIS A 225 25.51 -5.28 -2.07
CA HIS A 225 26.12 -6.59 -1.79
CA HIS A 225 26.09 -6.59 -1.88
C HIS A 225 24.96 -7.56 -1.54
N ILE A 226 24.83 -8.56 -2.42
CA ILE A 226 23.75 -9.52 -2.41
C ILE A 226 24.26 -10.73 -1.70
N TYR A 227 23.55 -11.11 -0.65
CA TYR A 227 23.80 -12.30 0.12
C TYR A 227 22.63 -13.29 -0.06
N ARG A 228 22.79 -14.50 0.48
CA ARG A 228 21.74 -15.49 0.51
C ARG A 228 21.35 -15.67 1.93
N LEU A 229 20.09 -16.02 2.15
CA LEU A 229 19.64 -16.23 3.48
C LEU A 229 19.57 -17.74 3.73
N VAL A 230 20.10 -18.16 4.88
CA VAL A 230 20.13 -19.58 5.29
C VAL A 230 19.67 -19.74 6.73
N ARG A 231 19.44 -20.98 7.15
CA ARG A 231 18.96 -21.28 8.52
C ARG A 231 19.18 -22.75 8.87
N GLN B 4 -22.97 19.31 -8.78
CA GLN B 4 -23.18 18.30 -9.85
C GLN B 4 -23.52 16.95 -9.20
N ALA B 5 -22.61 16.42 -8.39
CA ALA B 5 -22.67 15.00 -7.96
C ALA B 5 -23.82 14.61 -7.01
N ARG B 6 -24.41 13.46 -7.35
CA ARG B 6 -25.58 12.88 -6.72
C ARG B 6 -25.19 11.75 -5.74
N GLY B 7 -24.10 11.03 -6.02
CA GLY B 7 -23.48 10.01 -5.13
C GLY B 7 -21.95 9.99 -5.18
N LEU B 8 -21.34 8.97 -4.61
CA LEU B 8 -19.87 8.89 -4.52
C LEU B 8 -19.29 8.33 -5.84
N GLY B 9 -18.91 9.23 -6.75
CA GLY B 9 -18.52 8.85 -8.07
C GLY B 9 -18.43 10.08 -8.95
N THR B 10 -17.67 9.95 -10.03
CA THR B 10 -17.71 10.87 -11.16
C THR B 10 -18.23 10.09 -12.35
N ALA B 11 -18.24 10.72 -13.53
CA ALA B 11 -18.64 10.05 -14.76
C ALA B 11 -17.65 9.02 -15.26
N ARG B 12 -16.40 9.12 -14.82
CA ARG B 12 -15.35 8.19 -15.17
C ARG B 12 -15.23 7.02 -14.23
N LEU B 13 -15.70 7.17 -12.99
CA LEU B 13 -15.52 6.11 -11.97
C LEU B 13 -16.45 6.32 -10.83
N GLN B 14 -17.33 5.35 -10.63
CA GLN B 14 -18.35 5.33 -9.60
C GLN B 14 -17.95 4.25 -8.61
N LEU B 15 -18.14 4.53 -7.31
CA LEU B 15 -18.07 3.51 -6.29
C LEU B 15 -19.37 2.74 -6.31
N VAL B 16 -19.28 1.41 -6.28
CA VAL B 16 -20.46 0.55 -6.26
C VAL B 16 -20.66 0.06 -4.84
N GLU B 17 -19.59 -0.46 -4.26
CA GLU B 17 -19.61 -1.00 -2.92
C GLU B 17 -18.31 -0.86 -2.16
N PHE B 18 -18.44 -0.57 -0.87
CA PHE B 18 -17.36 -0.56 0.07
C PHE B 18 -17.90 -1.12 1.40
N SER B 19 -17.11 -2.00 2.00
CA SER B 19 -17.45 -2.53 3.30
C SER B 19 -16.20 -2.99 3.99
N ALA B 20 -16.26 -2.96 5.32
CA ALA B 20 -15.22 -3.53 6.13
C ALA B 20 -15.95 -4.44 7.08
N PHE B 21 -15.47 -5.66 7.29
CA PHE B 21 -16.26 -6.64 8.01
C PHE B 21 -15.41 -7.59 8.76
N VAL B 22 -16.09 -8.36 9.61
CA VAL B 22 -15.51 -9.53 10.27
C VAL B 22 -16.48 -10.72 10.19
N GLU B 23 -15.92 -11.88 9.88
CA GLU B 23 -16.62 -13.16 9.81
C GLU B 23 -16.09 -13.96 11.00
N PRO B 24 -16.95 -14.34 11.97
CA PRO B 24 -16.44 -15.14 13.10
C PRO B 24 -15.87 -16.49 12.67
N PRO B 25 -15.02 -17.11 13.51
CA PRO B 25 -14.42 -18.43 13.21
C PRO B 25 -15.42 -19.52 12.79
N ASP B 26 -16.61 -19.43 13.41
CA ASP B 26 -17.76 -20.30 13.15
C ASP B 26 -18.63 -19.94 11.92
N ALA B 27 -18.11 -19.12 11.01
CA ALA B 27 -18.88 -18.73 9.82
C ALA B 27 -18.95 -19.89 8.83
N VAL B 28 -17.91 -20.73 8.86
CA VAL B 28 -17.86 -22.02 8.16
C VAL B 28 -19.12 -22.88 8.36
N ASP B 29 -19.64 -22.91 9.57
CA ASP B 29 -20.77 -23.77 9.92
C ASP B 29 -22.12 -23.11 9.64
N SER B 30 -22.42 -22.01 10.34
CA SER B 30 -23.47 -21.11 9.90
C SER B 30 -22.81 -19.78 9.53
N TYR B 31 -23.08 -19.27 8.32
CA TYR B 31 -22.39 -18.09 7.80
C TYR B 31 -22.95 -16.80 8.38
N GLN B 32 -22.08 -15.97 8.93
CA GLN B 32 -22.43 -14.57 9.21
C GLN B 32 -21.23 -13.63 9.01
N ARG B 33 -21.54 -12.34 8.81
CA ARG B 33 -20.53 -11.29 8.75
C ARG B 33 -21.03 -10.11 9.59
N HIS B 34 -20.13 -9.47 10.33
CA HIS B 34 -20.43 -8.21 11.02
C HIS B 34 -19.84 -7.08 10.17
N LEU B 35 -20.66 -6.09 9.84
CA LEU B 35 -20.22 -4.95 9.06
C LEU B 35 -19.87 -3.81 9.98
N PHE B 36 -18.59 -3.39 9.99
CA PHE B 36 -18.20 -2.21 10.72
C PHE B 36 -18.67 -0.96 9.97
N VAL B 37 -18.48 -0.94 8.66
CA VAL B 37 -19.03 0.17 7.80
C VAL B 37 -19.38 -0.39 6.48
N HIS B 38 -20.28 0.28 5.78
CA HIS B 38 -20.82 -0.24 4.51
C HIS B 38 -21.38 0.87 3.66
N ILE B 39 -20.98 0.97 2.41
CA ILE B 39 -21.64 1.84 1.43
C ILE B 39 -22.06 0.97 0.26
N SER B 40 -23.31 1.13 -0.16
CA SER B 40 -23.78 0.45 -1.36
C SER B 40 -24.46 1.48 -2.26
N GLN B 41 -24.05 1.52 -3.54
CA GLN B 41 -24.75 2.39 -4.50
C GLN B 41 -25.29 1.56 -5.65
N HIS B 42 -25.90 0.42 -5.32
CA HIS B 42 -26.34 -0.56 -6.32
C HIS B 42 -27.56 -0.15 -7.16
N ALA B 48 -33.53 11.54 -6.73
CA ALA B 48 -32.12 11.60 -6.33
C ALA B 48 -31.51 13.04 -6.42
N PRO B 49 -31.29 13.72 -5.25
CA PRO B 49 -30.81 15.14 -5.19
C PRO B 49 -29.27 15.33 -5.14
N PRO B 50 -28.79 16.60 -5.07
CA PRO B 50 -27.34 16.83 -4.83
C PRO B 50 -26.87 16.46 -3.41
N LEU B 51 -25.58 16.17 -3.28
CA LEU B 51 -24.99 15.96 -1.97
C LEU B 51 -24.67 17.33 -1.38
N GLU B 52 -24.68 17.39 -0.05
CA GLU B 52 -24.25 18.60 0.63
C GLU B 52 -22.77 18.69 0.40
N SER B 53 -22.19 19.81 0.78
CA SER B 53 -20.79 20.05 0.54
C SER B 53 -20.13 20.46 1.84
N VAL B 54 -18.81 20.25 1.89
CA VAL B 54 -17.99 20.63 3.04
C VAL B 54 -16.74 21.23 2.44
N ASP B 55 -16.26 22.33 3.04
CA ASP B 55 -15.09 22.98 2.58
C ASP B 55 -13.86 22.21 3.02
N VAL B 56 -13.09 21.78 2.04
CA VAL B 56 -11.91 20.98 2.24
C VAL B 56 -10.87 21.61 3.17
N ARG B 57 -10.90 22.93 3.30
CA ARG B 57 -9.92 23.62 4.17
C ARG B 57 -10.07 23.17 5.64
N GLN B 58 -11.32 22.94 6.07
CA GLN B 58 -11.64 22.48 7.45
C GLN B 58 -10.95 21.15 7.91
N ILE B 59 -10.59 20.29 6.96
CA ILE B 59 -10.12 18.94 7.27
C ILE B 59 -8.67 18.69 6.85
N TYR B 60 -8.00 19.72 6.36
CA TYR B 60 -6.58 19.62 5.96
C TYR B 60 -5.72 19.01 7.07
N ASP B 61 -5.99 19.46 8.29
CA ASP B 61 -5.15 19.14 9.43
C ASP B 61 -5.28 17.68 9.85
N LYS B 62 -6.42 17.08 9.49
CA LYS B 62 -6.75 15.70 9.80
C LYS B 62 -6.07 14.67 8.90
N PHE B 63 -5.42 15.13 7.82
CA PHE B 63 -4.68 14.24 6.89
C PHE B 63 -3.25 14.74 6.70
N PRO B 64 -2.34 13.89 6.18
CA PRO B 64 -0.93 14.36 6.12
C PRO B 64 -0.74 15.56 5.18
N GLU B 65 0.17 16.46 5.52
CA GLU B 65 0.52 17.59 4.63
C GLU B 65 1.66 17.12 3.70
N LYS B 66 2.15 18.01 2.85
CA LYS B 66 3.15 17.66 1.83
C LYS B 66 2.51 16.70 0.81
N LYS B 67 3.28 15.75 0.30
CA LYS B 67 2.96 15.04 -0.94
C LYS B 67 1.94 13.92 -0.66
N GLY B 68 0.84 13.88 -1.43
CA GLY B 68 -0.26 12.90 -1.20
C GLY B 68 -1.09 13.28 0.01
N GLY B 69 -1.02 14.57 0.33
CA GLY B 69 -1.81 15.18 1.38
C GLY B 69 -2.91 15.96 0.73
N LEU B 70 -3.94 16.30 1.48
CA LEU B 70 -5.15 16.86 0.87
C LEU B 70 -4.95 18.10 0.02
N ARG B 71 -4.18 19.07 0.52
CA ARG B 71 -4.09 20.36 -0.16
C ARG B 71 -3.44 20.15 -1.52
N GLU B 72 -2.38 19.35 -1.55
CA GLU B 72 -1.62 19.14 -2.76
C GLU B 72 -2.43 18.36 -3.74
N LEU B 73 -3.11 17.32 -3.25
CA LEU B 73 -4.07 16.54 -4.05
C LEU B 73 -5.18 17.40 -4.62
N TYR B 74 -5.82 18.20 -3.79
CA TYR B 74 -6.86 19.09 -4.27
C TYR B 74 -6.35 20.09 -5.31
N ASP B 75 -5.12 20.62 -5.10
CA ASP B 75 -4.45 21.52 -6.07
C ASP B 75 -4.15 20.83 -7.40
N ARG B 76 -3.71 19.58 -7.35
CA ARG B 76 -3.56 18.77 -8.55
C ARG B 76 -4.90 18.49 -9.26
N GLY B 77 -6.00 18.35 -8.50
CA GLY B 77 -7.34 18.23 -9.08
C GLY B 77 -7.61 16.85 -9.66
N PRO B 78 -8.79 16.61 -10.24
CA PRO B 78 -9.82 17.60 -10.48
C PRO B 78 -10.76 17.75 -9.30
N PRO B 79 -11.25 18.98 -9.05
CA PRO B 79 -12.03 19.26 -7.83
C PRO B 79 -13.25 18.40 -7.65
N HIS B 80 -13.89 18.01 -8.75
CA HIS B 80 -15.16 17.26 -8.66
C HIS B 80 -14.99 15.80 -8.18
N ALA B 81 -13.76 15.30 -8.05
CA ALA B 81 -13.47 13.92 -7.62
C ALA B 81 -13.24 13.73 -6.13
N PHE B 82 -13.46 14.76 -5.31
CA PHE B 82 -13.20 14.72 -3.90
C PHE B 82 -14.48 14.62 -3.06
N PHE B 83 -14.48 13.69 -2.11
CA PHE B 83 -15.61 13.41 -1.27
C PHE B 83 -15.18 13.19 0.16
N LEU B 84 -16.12 13.40 1.06
CA LEU B 84 -15.98 13.11 2.46
C LEU B 84 -17.09 12.20 2.87
N VAL B 85 -16.73 11.07 3.47
CA VAL B 85 -17.68 10.17 4.09
C VAL B 85 -17.50 10.24 5.60
N LYS B 86 -18.62 10.46 6.30
CA LYS B 86 -18.65 10.35 7.71
C LYS B 86 -19.31 9.03 8.01
N PHE B 87 -18.64 8.22 8.80
CA PHE B 87 -19.13 6.91 9.17
C PHE B 87 -19.46 6.91 10.65
N TRP B 88 -20.62 6.32 10.99
CA TRP B 88 -20.91 5.85 12.30
C TRP B 88 -20.69 4.36 12.22
N ALA B 89 -19.58 3.94 12.80
CA ALA B 89 -19.15 2.55 12.77
C ALA B 89 -19.80 1.70 13.85
N ASP B 90 -20.07 0.45 13.51
CA ASP B 90 -20.66 -0.50 14.41
C ASP B 90 -19.58 -1.38 14.97
N LEU B 91 -19.29 -1.18 16.25
CA LEU B 91 -18.24 -1.97 16.96
C LEU B 91 -18.85 -2.93 17.95
N ASN B 92 -20.06 -3.43 17.66
CA ASN B 92 -20.74 -4.30 18.57
C ASN B 92 -20.79 -5.69 17.95
N TRP B 93 -19.82 -6.53 18.29
CA TRP B 93 -19.76 -7.91 17.80
C TRP B 93 -19.10 -8.84 18.82
N SER B 108 -12.35 -14.69 19.57
CA SER B 108 -12.31 -13.58 18.65
C SER B 108 -11.06 -13.65 17.72
N GLY B 109 -10.88 -14.80 17.07
CA GLY B 109 -9.80 -14.99 16.06
C GLY B 109 -10.43 -15.27 14.70
N GLY B 110 -11.28 -14.33 14.25
CA GLY B 110 -12.05 -14.44 12.99
C GLY B 110 -11.34 -13.75 11.84
N PHE B 111 -12.01 -13.60 10.68
CA PHE B 111 -11.38 -12.99 9.47
C PHE B 111 -11.87 -11.58 9.26
N TYR B 112 -10.93 -10.64 9.28
CA TYR B 112 -11.14 -9.20 9.08
C TYR B 112 -10.74 -8.78 7.65
N GLY B 113 -11.72 -8.24 6.91
CA GLY B 113 -11.49 -7.90 5.52
C GLY B 113 -12.16 -6.63 5.08
N VAL B 114 -11.73 -6.16 3.89
CA VAL B 114 -12.30 -5.00 3.22
C VAL B 114 -12.51 -5.29 1.71
N SER B 115 -13.64 -4.82 1.19
CA SER B 115 -14.07 -5.15 -0.16
C SER B 115 -14.55 -3.86 -0.80
N SER B 116 -14.13 -3.68 -2.05
CA SER B 116 -14.40 -2.49 -2.86
C SER B 116 -14.73 -2.88 -4.31
N GLN B 117 -15.73 -2.21 -4.88
CA GLN B 117 -16.04 -2.31 -6.27
C GLN B 117 -16.30 -0.95 -6.81
N TYR B 118 -15.77 -0.71 -8.00
CA TYR B 118 -15.95 0.50 -8.77
C TYR B 118 -16.41 0.11 -10.18
N GLU B 119 -16.94 1.05 -10.93
CA GLU B 119 -17.13 0.82 -12.34
C GLU B 119 -16.94 2.08 -13.19
N SER B 120 -16.64 1.88 -14.47
CA SER B 120 -16.46 2.96 -15.41
C SER B 120 -16.93 2.54 -16.76
N LEU B 121 -17.07 3.53 -17.65
CA LEU B 121 -17.32 3.27 -19.05
C LEU B 121 -16.02 2.99 -19.80
N GLU B 122 -14.89 3.46 -19.29
CA GLU B 122 -13.56 3.22 -19.91
C GLU B 122 -12.79 2.06 -19.25
N HIS B 123 -12.01 1.33 -20.05
CA HIS B 123 -11.08 0.31 -19.60
C HIS B 123 -9.81 0.98 -19.09
N MET B 124 -9.47 0.73 -17.82
CA MET B 124 -8.31 1.34 -17.20
C MET B 124 -7.65 0.30 -16.31
N THR B 125 -6.46 0.64 -15.86
CA THR B 125 -5.87 -0.02 -14.73
C THR B 125 -5.88 1.03 -13.67
N LEU B 126 -6.42 0.65 -12.51
CA LEU B 126 -6.53 1.51 -11.37
C LEU B 126 -5.44 1.21 -10.37
N THR B 127 -4.98 2.23 -9.68
CA THR B 127 -4.20 2.07 -8.47
C THR B 127 -5.04 2.62 -7.35
N CYS B 128 -5.22 1.83 -6.31
CA CYS B 128 -5.94 2.27 -5.14
CA CYS B 128 -5.98 2.22 -5.14
C CYS B 128 -5.04 2.28 -3.94
N SER B 129 -4.84 3.48 -3.38
CA SER B 129 -4.08 3.72 -2.17
C SER B 129 -5.03 4.00 -1.03
N SER B 130 -4.93 3.26 0.05
CA SER B 130 -5.60 3.61 1.28
C SER B 130 -4.61 3.97 2.40
N LYS B 131 -4.69 5.21 2.91
CA LYS B 131 -3.80 5.70 3.98
C LYS B 131 -4.55 5.87 5.30
N VAL B 132 -4.24 5.02 6.30
CA VAL B 132 -4.70 5.21 7.67
C VAL B 132 -3.84 6.27 8.36
N CYS B 133 -4.47 7.24 9.02
CA CYS B 133 -3.77 8.37 9.65
C CYS B 133 -4.20 8.59 11.08
N SER B 134 -3.23 8.85 11.95
CA SER B 134 -3.50 9.11 13.37
C SER B 134 -2.97 10.48 13.70
N PHE B 135 -3.84 11.35 14.20
CA PHE B 135 -3.53 12.77 14.39
C PHE B 135 -2.95 13.38 13.09
N GLY B 136 -3.58 13.04 11.96
CA GLY B 136 -3.23 13.62 10.66
C GLY B 136 -1.93 13.14 10.04
N LYS B 137 -1.38 12.03 10.55
CA LYS B 137 -0.12 11.49 10.09
C LYS B 137 -0.29 10.03 9.70
N GLN B 138 0.23 9.72 8.51
CA GLN B 138 0.15 8.38 7.97
C GLN B 138 0.89 7.43 8.89
N VAL B 139 0.29 6.28 9.16
CA VAL B 139 0.91 5.20 9.96
C VAL B 139 0.90 3.87 9.22
N VAL B 140 -0.08 3.69 8.34
CA VAL B 140 -0.22 2.49 7.54
C VAL B 140 -0.77 2.92 6.17
N GLU B 141 -0.39 2.18 5.14
CA GLU B 141 -0.77 2.46 3.75
C GLU B 141 -0.77 1.17 2.92
N LYS B 142 -1.84 0.91 2.18
CA LYS B 142 -1.89 -0.23 1.24
C LYS B 142 -2.16 0.28 -0.15
N VAL B 143 -1.33 -0.13 -1.11
CA VAL B 143 -1.45 0.25 -2.50
C VAL B 143 -1.60 -1.00 -3.32
N GLU B 144 -2.70 -1.10 -4.06
CA GLU B 144 -3.07 -2.22 -4.91
C GLU B 144 -3.41 -1.69 -6.32
N THR B 145 -3.31 -2.54 -7.32
CA THR B 145 -3.75 -2.22 -8.67
C THR B 145 -4.84 -3.19 -9.09
N GLU B 146 -5.72 -2.78 -9.97
CA GLU B 146 -6.74 -3.68 -10.47
C GLU B 146 -7.08 -3.30 -11.92
N ARG B 147 -6.92 -4.29 -12.78
CA ARG B 147 -7.26 -4.18 -14.18
C ARG B 147 -8.76 -4.39 -14.30
N ALA B 148 -9.39 -3.63 -15.19
CA ALA B 148 -10.80 -3.78 -15.50
C ALA B 148 -11.22 -5.17 -16.01
N GLN B 149 -12.46 -5.53 -15.76
CA GLN B 149 -13.10 -6.66 -16.41
C GLN B 149 -14.40 -6.21 -17.05
N LEU B 150 -14.55 -6.51 -18.33
CA LEU B 150 -15.66 -6.00 -19.12
C LEU B 150 -16.86 -6.84 -18.83
N GLU B 151 -17.92 -6.21 -18.30
CA GLU B 151 -19.23 -6.82 -18.09
C GLU B 151 -20.31 -6.11 -18.88
N ASP B 152 -21.53 -5.96 -18.35
CA ASP B 152 -22.68 -5.63 -19.22
C ASP B 152 -22.71 -4.16 -19.74
N GLY B 153 -21.93 -3.89 -20.79
CA GLY B 153 -21.80 -2.54 -21.37
C GLY B 153 -21.08 -1.57 -20.44
N ARG B 154 -20.15 -2.10 -19.63
CA ARG B 154 -19.42 -1.36 -18.60
C ARG B 154 -18.33 -2.22 -17.97
N PHE B 155 -17.27 -1.57 -17.55
CA PHE B 155 -16.14 -2.21 -16.90
C PHE B 155 -16.30 -2.21 -15.37
N VAL B 156 -15.78 -3.26 -14.74
CA VAL B 156 -15.82 -3.38 -13.29
C VAL B 156 -14.46 -3.69 -12.73
N TYR B 157 -14.23 -3.17 -11.52
CA TYR B 157 -12.99 -3.35 -10.82
C TYR B 157 -13.33 -3.89 -9.46
N ARG B 158 -12.80 -5.06 -9.14
CA ARG B 158 -13.18 -5.80 -7.92
C ARG B 158 -11.95 -5.99 -7.07
N LEU B 159 -12.01 -5.50 -5.82
CA LEU B 159 -10.93 -5.66 -4.86
C LEU B 159 -11.62 -6.26 -3.65
N LEU B 160 -12.02 -7.52 -3.78
CA LEU B 160 -12.84 -8.14 -2.79
C LEU B 160 -11.98 -8.83 -1.78
N ARG B 161 -12.45 -8.80 -0.54
CA ARG B 161 -11.90 -9.56 0.58
C ARG B 161 -10.42 -9.41 0.84
N SER B 162 -9.86 -8.21 0.67
CA SER B 162 -8.48 -7.91 1.09
C SER B 162 -8.42 -8.16 2.58
N PRO B 163 -7.37 -8.82 3.07
CA PRO B 163 -7.20 -8.89 4.54
C PRO B 163 -6.89 -7.51 5.13
N MET B 164 -7.52 -7.22 6.26
CA MET B 164 -7.28 -5.97 6.97
C MET B 164 -5.85 -6.02 7.59
N CYS B 165 -5.06 -4.96 7.43
CA CYS B 165 -3.78 -4.82 8.19
C CYS B 165 -4.04 -5.16 9.62
N GLU B 166 -3.17 -6.02 10.17
CA GLU B 166 -3.17 -6.42 11.56
C GLU B 166 -3.20 -5.24 12.54
N TYR B 167 -2.79 -4.06 12.08
CA TYR B 167 -2.76 -2.89 12.91
C TYR B 167 -4.15 -2.25 13.12
N LEU B 168 -4.90 -2.15 12.04
CA LEU B 168 -6.32 -1.86 12.08
C LEU B 168 -7.13 -2.86 12.90
N VAL B 169 -6.84 -4.15 12.72
CA VAL B 169 -7.47 -5.18 13.51
C VAL B 169 -7.20 -4.93 15.01
N ASN B 170 -5.94 -4.67 15.39
CA ASN B 170 -5.60 -4.38 16.79
C ASN B 170 -6.34 -3.17 17.33
N PHE B 171 -6.33 -2.09 16.54
CA PHE B 171 -7.02 -0.87 16.87
C PHE B 171 -8.53 -1.07 17.18
N LEU B 172 -9.19 -1.88 16.34
CA LEU B 172 -10.58 -2.22 16.60
C LEU B 172 -10.73 -3.00 17.87
N HIS B 173 -9.86 -3.97 18.16
CA HIS B 173 -10.01 -4.70 19.42
C HIS B 173 -9.87 -3.77 20.63
N LYS B 174 -8.90 -2.89 20.54
CA LYS B 174 -8.68 -1.91 21.60
C LYS B 174 -9.86 -0.94 21.76
N LEU B 175 -10.27 -0.36 20.63
CA LEU B 175 -11.37 0.59 20.59
C LEU B 175 -12.65 0.00 21.17
N ARG B 176 -12.95 -1.21 20.75
CA ARG B 176 -14.07 -2.03 21.27
C ARG B 176 -14.17 -2.16 22.79
N GLN B 177 -13.02 -2.19 23.46
CA GLN B 177 -12.92 -2.52 24.88
CA GLN B 177 -12.98 -2.51 24.88
C GLN B 177 -12.99 -1.26 25.80
N LEU B 178 -13.04 -0.06 25.20
CA LEU B 178 -13.16 1.21 25.92
C LEU B 178 -14.48 1.32 26.66
N PRO B 179 -14.48 1.91 27.89
CA PRO B 179 -15.68 1.88 28.75
C PRO B 179 -16.82 2.82 28.35
N GLU B 180 -16.55 3.83 27.56
CA GLU B 180 -17.55 4.81 27.27
C GLU B 180 -17.50 5.11 25.80
N ARG B 181 -18.68 5.18 25.24
CA ARG B 181 -18.89 5.67 23.92
C ARG B 181 -18.17 6.98 23.67
N TYR B 182 -18.27 7.95 24.59
CA TYR B 182 -17.70 9.28 24.28
C TYR B 182 -16.17 9.19 24.18
N MET B 183 -15.56 8.25 24.90
CA MET B 183 -14.09 8.01 24.78
C MET B 183 -13.76 7.41 23.40
N MET B 184 -14.54 6.43 22.99
CA MET B 184 -14.50 5.96 21.60
C MET B 184 -14.53 7.09 20.63
N ASN B 185 -15.49 7.98 20.75
CA ASN B 185 -15.48 9.16 19.90
C ASN B 185 -14.33 10.12 20.07
N SER B 186 -13.76 10.24 21.27
CA SER B 186 -12.63 11.16 21.42
C SER B 186 -11.45 10.54 20.69
N VAL B 187 -11.24 9.24 20.84
CA VAL B 187 -10.16 8.60 20.15
C VAL B 187 -10.32 8.74 18.63
N LEU B 188 -11.54 8.48 18.10
CA LEU B 188 -11.78 8.51 16.64
C LEU B 188 -11.72 9.90 16.04
N GLU B 189 -11.80 10.90 16.89
CA GLU B 189 -11.64 12.30 16.47
C GLU B 189 -10.32 12.45 15.73
N ASN B 190 -9.34 11.66 16.14
CA ASN B 190 -7.99 11.78 15.59
C ASN B 190 -7.62 10.60 14.66
N PHE B 191 -8.63 9.96 14.08
CA PHE B 191 -8.40 8.78 13.25
C PHE B 191 -9.11 8.93 11.95
N THR B 192 -8.36 8.86 10.89
CA THR B 192 -8.89 9.11 9.56
C THR B 192 -8.31 8.20 8.51
N ILE B 193 -9.02 8.14 7.36
CA ILE B 193 -8.60 7.36 6.25
C ILE B 193 -8.74 8.18 5.00
N LEU B 194 -7.72 8.09 4.14
CA LEU B 194 -7.72 8.72 2.86
C LEU B 194 -7.49 7.69 1.76
N GLN B 195 -8.44 7.62 0.83
CA GLN B 195 -8.36 6.74 -0.33
C GLN B 195 -8.17 7.57 -1.55
N VAL B 196 -7.16 7.24 -2.36
CA VAL B 196 -7.01 7.91 -3.66
C VAL B 196 -6.81 6.85 -4.73
N VAL B 197 -7.66 6.95 -5.75
CA VAL B 197 -7.74 6.02 -6.86
C VAL B 197 -7.29 6.79 -8.08
N THR B 198 -6.28 6.27 -8.75
CA THR B 198 -5.74 6.91 -9.96
C THR B 198 -5.66 5.95 -11.08
N ASN B 199 -5.69 6.49 -12.29
CA ASN B 199 -5.41 5.71 -13.49
C ASN B 199 -3.92 5.40 -13.43
N ARG B 200 -3.55 4.13 -13.25
CA ARG B 200 -2.13 3.74 -13.18
C ARG B 200 -1.30 4.16 -14.42
N ASP B 201 -1.88 4.08 -15.61
CA ASP B 201 -1.14 4.42 -16.85
C ASP B 201 -0.86 5.92 -17.03
N THR B 202 -1.81 6.77 -16.66
CA THR B 202 -1.69 8.22 -16.83
C THR B 202 -1.33 9.01 -15.58
N GLN B 203 -1.47 8.37 -14.41
CA GLN B 203 -1.41 9.03 -13.09
C GLN B 203 -2.52 10.08 -12.80
N GLU B 204 -3.57 10.11 -13.60
CA GLU B 204 -4.71 10.98 -13.36
C GLU B 204 -5.42 10.51 -12.11
N LEU B 205 -5.85 11.46 -11.26
CA LEU B 205 -6.73 11.18 -10.14
C LEU B 205 -8.15 10.92 -10.63
N LEU B 206 -8.74 9.79 -10.22
CA LEU B 206 -10.14 9.48 -10.52
C LEU B 206 -11.09 9.74 -9.34
N LEU B 207 -10.63 9.50 -8.12
CA LEU B 207 -11.49 9.59 -6.95
C LEU B 207 -10.61 9.70 -5.74
N CYS B 208 -10.95 10.63 -4.86
CA CYS B 208 -10.29 10.85 -3.63
C CYS B 208 -11.38 10.96 -2.57
N THR B 209 -11.37 10.06 -1.60
CA THR B 209 -12.35 10.03 -0.55
C THR B 209 -11.64 10.10 0.82
N ALA B 210 -12.04 11.08 1.63
CA ALA B 210 -11.64 11.23 3.02
C ALA B 210 -12.72 10.64 3.91
N TYR B 211 -12.30 9.84 4.88
CA TYR B 211 -13.24 9.18 5.76
C TYR B 211 -12.97 9.66 7.17
N VAL B 212 -14.04 10.12 7.87
CA VAL B 212 -13.97 10.45 9.29
C VAL B 212 -14.98 9.61 10.02
N PHE B 213 -14.78 9.44 11.32
CA PHE B 213 -15.44 8.34 12.07
C PHE B 213 -16.03 8.74 13.43
N GLU B 214 -17.17 8.13 13.77
CA GLU B 214 -17.69 8.02 15.14
C GLU B 214 -18.18 6.60 15.32
N VAL B 215 -18.49 6.20 16.56
CA VAL B 215 -19.18 4.92 16.77
C VAL B 215 -20.65 5.21 16.71
N SER B 216 -21.38 4.26 16.12
CA SER B 216 -22.84 4.20 16.23
C SER B 216 -23.15 3.67 17.66
N THR B 217 -24.38 3.81 18.13
CA THR B 217 -24.80 3.13 19.39
C THR B 217 -25.00 1.62 19.12
N SER B 218 -25.16 0.81 20.18
CA SER B 218 -25.12 -0.66 20.03
C SER B 218 -26.28 -1.24 19.19
N GLU B 219 -27.48 -0.64 19.28
CA GLU B 219 -28.71 -1.12 18.57
C GLU B 219 -28.80 -0.63 17.13
N ARG B 220 -28.35 0.61 16.86
CA ARG B 220 -28.20 1.07 15.49
C ARG B 220 -26.92 0.45 14.91
N GLY B 221 -27.01 0.05 13.68
CA GLY B 221 -25.86 -0.52 13.02
C GLY B 221 -25.09 0.61 12.37
N ALA B 222 -24.36 0.24 11.32
CA ALA B 222 -23.49 1.14 10.60
C ALA B 222 -24.30 2.10 9.76
N GLN B 223 -23.92 3.37 9.78
CA GLN B 223 -24.46 4.38 8.87
C GLN B 223 -23.35 5.29 8.35
N HIS B 224 -23.71 6.08 7.34
CA HIS B 224 -22.84 7.05 6.73
C HIS B 224 -23.59 8.21 6.15
N HIS B 225 -22.85 9.27 5.83
CA HIS B 225 -23.33 10.41 5.12
C HIS B 225 -22.16 10.82 4.22
N ILE B 226 -22.45 10.97 2.94
CA ILE B 226 -21.49 11.35 1.92
C ILE B 226 -21.66 12.84 1.59
N TYR B 227 -20.52 13.56 1.49
CA TYR B 227 -20.46 14.99 1.14
C TYR B 227 -19.49 15.23 -0.03
N ARG B 228 -19.76 16.24 -0.87
CA ARG B 228 -18.78 16.74 -1.83
C ARG B 228 -17.77 17.64 -1.13
N LEU B 229 -16.48 17.50 -1.44
CA LEU B 229 -15.45 18.42 -0.95
C LEU B 229 -15.21 19.57 -1.96
N VAL B 230 -15.38 20.79 -1.46
CA VAL B 230 -15.34 22.02 -2.28
C VAL B 230 -14.38 23.02 -1.68
N ARG B 231 -14.17 24.10 -2.42
CA ARG B 231 -13.21 25.12 -2.05
C ARG B 231 -13.59 26.42 -2.79
N ASP B 232 -14.22 27.35 -2.08
CA ASP B 232 -14.85 28.57 -2.67
C ASP B 232 -14.13 29.86 -2.32
C1 MYR C . 6.85 2.27 -3.67
O1 MYR C . 6.20 2.93 -2.77
O2 MYR C . 6.65 2.37 -4.86
C2 MYR C . 7.92 1.38 -3.10
C3 MYR C . 8.46 0.44 -4.14
C4 MYR C . 9.43 -0.58 -3.62
C5 MYR C . 10.41 -0.11 -2.59
C6 MYR C . 11.37 0.96 -3.10
C7 MYR C . 12.81 0.48 -3.28
C8 MYR C . 13.83 1.21 -2.47
C9 MYR C . 13.80 2.73 -2.63
C10 MYR C . 15.16 3.36 -2.44
C11 MYR C . 15.18 4.51 -1.51
C12 MYR C . 16.55 4.80 -0.91
C13 MYR C . 16.55 4.69 0.60
C14 MYR C . 17.74 5.33 1.24
C1 PLM D . -4.34 -2.53 5.12
O2 PLM D . -3.87 -1.37 5.03
C2 PLM D . -5.65 -2.81 4.43
C3 PLM D . -6.72 -2.01 5.16
C4 PLM D . -6.75 -0.54 4.72
C5 PLM D . -7.94 -0.27 3.83
C6 PLM D . -8.95 0.70 4.41
C7 PLM D . -9.61 0.13 5.67
C8 PLM D . -11.08 0.51 5.79
C9 PLM D . -11.56 0.30 7.21
CA PLM D . -12.84 1.09 7.46
CB PLM D . -13.54 0.78 8.79
CC PLM D . -12.57 0.66 9.96
CD PLM D . -12.75 1.75 10.97
CE PLM D . -13.91 1.45 11.90
CF PLM D . -13.58 1.95 13.30
CG PLM D . -13.52 3.45 13.27
C1 KXE E . 2.91 1.82 16.52
N2 KXE E . -1.29 5.92 16.62
C3 KXE E . 3.07 2.33 14.06
C4 KXE E . 2.97 1.95 12.72
C5 KXE E . 2.47 0.71 12.39
C6 KXE E . 2.08 -0.17 13.39
C12 KXE E . 1.59 8.91 18.96
C13 KXE E . -1.02 4.62 16.53
C14 KXE E . -1.92 3.79 15.70
C15 KXE E . -3.27 4.08 15.60
C16 KXE E . -4.08 3.37 14.72
C17 KXE E . -3.53 2.37 13.93
C18 KXE E . -2.20 2.08 14.02
CL1 KXE E . -1.47 1.00 12.88
CL KXE E . -4.55 1.47 12.86
C19 KXE E . -1.39 2.76 14.92
N1 KXE E . -0.28 6.46 17.34
C10 KXE E . -0.22 7.91 17.51
C11 KXE E . 0.22 8.30 18.90
O2 KXE E . 2.49 8.57 18.21
O1 KXE E . 1.70 9.84 19.90
C9 KXE E . 0.62 5.53 17.75
C8 KXE E . 0.19 4.32 17.25
C KXE E . 0.99 3.04 17.44
O KXE E . 0.50 2.08 18.04
N KXE E . 2.23 3.03 16.94
C2 KXE E . 2.68 1.46 15.07
C7 KXE E . 2.18 0.22 14.73
#